data_5HYC
#
_entry.id   5HYC
#
_cell.length_a   105.097
_cell.length_b   105.097
_cell.length_c   166.541
_cell.angle_alpha   90.00
_cell.angle_beta   90.00
_cell.angle_gamma   90.00
#
_symmetry.space_group_name_H-M   'I 41 2 2'
#
loop_
_entity.id
_entity.type
_entity.pdbx_description
1 polymer 'Uncharacterized protein'
2 polymer 'Cytoplasmic dynein 1 intermediate chain 2'
3 water water
#
loop_
_entity_poly.entity_id
_entity_poly.type
_entity_poly.pdbx_seq_one_letter_code
_entity_poly.pdbx_strand_id
1 'polypeptide(L)'
;MAAQGPSPIPTNRLKQIAADACNDAIGSAEFYDHAKTEQWNHQIINTILKAVIAESQPSDSTTPPQFKFAVNSTIVQHLV
PSSKLNKPAGGADDKPASTATSTDGKPHVGRRGMHSATGAFWNDKTDGMWTYKHEGDESKGMDVVVMLIWIAVLEHHHHH
H
;
A,B
2 'polypeptide(L)' AAPQNLTTVPLTTIYECPPSPVKEIFSYSKGIQTQ C
#
# COMPACT_ATOMS: atom_id res chain seq x y z
N GLY A 5 -3.29 10.52 -15.73
CA GLY A 5 -3.65 9.95 -17.02
C GLY A 5 -2.83 8.73 -17.38
N PRO A 6 -2.57 8.53 -18.68
CA PRO A 6 -1.78 7.41 -19.21
C PRO A 6 -0.40 7.28 -18.58
N SER A 7 0.04 6.05 -18.40
CA SER A 7 1.33 5.78 -17.78
C SER A 7 2.43 5.89 -18.81
N PRO A 8 3.65 6.20 -18.35
CA PRO A 8 4.80 6.25 -19.26
C PRO A 8 5.11 4.89 -19.87
N ILE A 9 4.58 3.82 -19.26
CA ILE A 9 4.84 2.47 -19.70
C ILE A 9 3.51 1.76 -19.88
N PRO A 10 3.38 1.01 -20.99
CA PRO A 10 2.16 0.22 -21.21
C PRO A 10 1.90 -0.71 -20.05
N THR A 11 0.66 -0.76 -19.61
CA THR A 11 0.32 -1.53 -18.41
C THR A 11 0.62 -3.01 -18.53
N ASN A 12 0.68 -3.52 -19.76
CA ASN A 12 1.04 -4.93 -19.97
C ASN A 12 2.52 -5.18 -19.68
N ARG A 13 3.34 -4.16 -19.92
CA ARG A 13 4.76 -4.24 -19.60
C ARG A 13 4.96 -4.06 -18.12
N LEU A 14 4.22 -3.13 -17.53
CA LEU A 14 4.23 -2.94 -16.08
C LEU A 14 3.90 -4.23 -15.38
N LYS A 15 2.89 -4.93 -15.89
CA LYS A 15 2.46 -6.16 -15.28
C LYS A 15 3.58 -7.21 -15.29
N GLN A 16 4.36 -7.34 -16.35
CA GLN A 16 5.39 -8.37 -16.27
C GLN A 16 6.63 -7.86 -15.54
N ILE A 17 6.82 -6.55 -15.45
CA ILE A 17 7.85 -6.03 -14.59
C ILE A 17 7.52 -6.36 -13.13
N ALA A 18 6.28 -6.11 -12.73
CA ALA A 18 5.89 -6.32 -11.35
C ALA A 18 5.89 -7.80 -10.99
N ALA A 19 5.44 -8.64 -11.90
CA ALA A 19 5.36 -10.07 -11.64
C ALA A 19 6.77 -10.67 -11.53
N ASP A 20 7.68 -10.20 -12.37
CA ASP A 20 9.07 -10.65 -12.30
C ASP A 20 9.73 -10.22 -11.00
N ALA A 21 9.54 -8.97 -10.59
CA ALA A 21 10.08 -8.52 -9.31
C ALA A 21 9.57 -9.36 -8.14
N CYS A 22 8.29 -9.68 -8.12
CA CYS A 22 7.73 -10.48 -7.04
C CYS A 22 8.29 -11.89 -7.01
N ASN A 23 8.37 -12.56 -8.16
CA ASN A 23 8.93 -13.91 -8.16
C ASN A 23 10.44 -13.88 -7.91
N ASP A 24 11.12 -12.83 -8.34
CA ASP A 24 12.54 -12.68 -8.02
C ASP A 24 12.74 -12.58 -6.51
N ALA A 25 11.81 -11.96 -5.81
CA ALA A 25 11.96 -11.83 -4.37
C ALA A 25 11.45 -13.04 -3.59
N ILE A 26 10.26 -13.55 -3.91
CA ILE A 26 9.67 -14.58 -3.06
C ILE A 26 9.37 -15.90 -3.73
N GLY A 27 9.86 -16.07 -4.95
CA GLY A 27 9.54 -17.23 -5.75
C GLY A 27 9.96 -18.52 -5.12
N SER A 28 11.01 -18.50 -4.33
CA SER A 28 11.52 -19.73 -3.75
C SER A 28 11.26 -19.85 -2.26
N ALA A 29 10.56 -18.88 -1.68
CA ALA A 29 10.12 -19.03 -0.30
C ALA A 29 9.07 -20.16 -0.15
N GLU A 30 9.27 -21.05 0.81
CA GLU A 30 8.30 -22.08 1.13
C GLU A 30 7.18 -21.55 2.00
N PHE A 31 7.44 -20.45 2.70
CA PHE A 31 6.47 -19.93 3.63
C PHE A 31 6.76 -18.50 3.93
N TYR A 32 5.76 -17.82 4.49
CA TYR A 32 5.92 -16.47 4.97
C TYR A 32 6.85 -16.45 6.16
N ASP A 33 7.75 -15.49 6.13
CA ASP A 33 8.76 -15.34 7.16
C ASP A 33 8.86 -13.86 7.48
N HIS A 34 8.39 -13.45 8.64
CA HIS A 34 8.35 -12.04 9.00
C HIS A 34 9.77 -11.43 9.07
N ALA A 35 10.76 -12.28 9.29
CA ALA A 35 12.14 -11.84 9.37
C ALA A 35 12.72 -11.44 8.01
N LYS A 36 12.13 -11.90 6.92
CA LYS A 36 12.67 -11.65 5.60
C LYS A 36 11.86 -10.64 4.78
N THR A 37 10.77 -10.15 5.34
CA THR A 37 9.79 -9.38 4.58
C THR A 37 10.35 -8.05 4.16
N GLU A 38 11.20 -7.50 5.02
CA GLU A 38 11.89 -6.25 4.79
C GLU A 38 12.84 -6.36 3.60
N GLN A 39 13.69 -7.38 3.61
CA GLN A 39 14.54 -7.65 2.45
C GLN A 39 13.72 -7.86 1.18
N TRP A 40 12.64 -8.63 1.29
CA TRP A 40 11.77 -8.96 0.14
C TRP A 40 11.16 -7.71 -0.48
N ASN A 41 10.56 -6.89 0.36
CA ASN A 41 9.99 -5.63 -0.07
C ASN A 41 11.05 -4.66 -0.65
N HIS A 42 12.23 -4.59 -0.03
CA HIS A 42 13.37 -3.76 -0.50
C HIS A 42 13.59 -4.08 -1.95
N GLN A 43 13.81 -5.38 -2.12
CA GLN A 43 14.09 -6.05 -3.36
C GLN A 43 13.06 -5.81 -4.46
N ILE A 44 11.79 -5.99 -4.12
CA ILE A 44 10.70 -5.78 -5.05
C ILE A 44 10.67 -4.31 -5.48
N ILE A 45 10.74 -3.41 -4.51
CA ILE A 45 10.76 -1.97 -4.76
C ILE A 45 11.95 -1.55 -5.65
N ASN A 46 13.14 -2.03 -5.31
CA ASN A 46 14.33 -1.80 -6.11
C ASN A 46 14.22 -2.22 -7.54
N THR A 47 13.81 -3.46 -7.74
CA THR A 47 13.64 -4.02 -9.06
C THR A 47 12.65 -3.21 -9.91
N ILE A 48 11.55 -2.78 -9.32
CA ILE A 48 10.52 -2.13 -10.10
C ILE A 48 10.92 -0.71 -10.45
N LEU A 49 11.47 0.03 -9.49
CA LEU A 49 12.06 1.35 -9.74
C LEU A 49 13.09 1.35 -10.87
N LYS A 50 14.09 0.48 -10.82
CA LYS A 50 15.13 0.49 -11.86
C LYS A 50 14.52 0.27 -13.23
N ALA A 51 13.58 -0.65 -13.28
CA ALA A 51 12.98 -1.06 -14.53
C ALA A 51 12.02 -0.01 -15.08
N VAL A 52 11.25 0.69 -14.24
CA VAL A 52 10.35 1.67 -14.80
C VAL A 52 11.14 2.91 -15.22
N ILE A 53 12.28 3.14 -14.56
CA ILE A 53 13.15 4.23 -14.93
C ILE A 53 13.82 3.97 -16.28
N ALA A 54 14.28 2.74 -16.50
CA ALA A 54 14.86 2.37 -17.77
C ALA A 54 13.88 2.52 -18.93
N GLU A 55 12.73 1.89 -18.82
CA GLU A 55 11.74 1.89 -19.90
C GLU A 55 11.04 3.23 -20.07
N SER A 56 11.28 4.16 -19.16
CA SER A 56 10.79 5.53 -19.31
C SER A 56 11.74 6.36 -20.14
N GLN A 57 13.00 6.01 -20.08
CA GLN A 57 14.07 6.88 -20.53
C GLN A 57 14.07 6.97 -22.09
N PRO A 58 13.89 8.20 -22.65
CA PRO A 58 13.95 8.37 -24.12
C PRO A 58 15.32 8.00 -24.66
N SER A 59 15.37 7.54 -25.90
CA SER A 59 16.65 7.19 -26.53
C SER A 59 17.56 8.41 -26.66
N ASP A 60 16.96 9.58 -26.79
CA ASP A 60 17.71 10.83 -26.80
C ASP A 60 18.12 11.21 -25.39
N SER A 61 19.35 10.87 -25.03
CA SER A 61 19.85 11.05 -23.67
C SER A 61 20.00 12.51 -23.26
N THR A 62 19.87 13.43 -24.22
CA THR A 62 19.92 14.86 -23.93
C THR A 62 18.64 15.30 -23.23
N THR A 63 17.75 14.35 -23.03
CA THR A 63 16.54 14.58 -22.25
C THR A 63 16.76 14.12 -20.81
N PRO A 64 16.54 15.04 -19.85
CA PRO A 64 16.65 14.76 -18.42
C PRO A 64 15.43 13.97 -17.94
N PRO A 65 15.57 13.24 -16.82
CA PRO A 65 14.49 12.48 -16.15
C PRO A 65 13.13 13.16 -16.23
N GLN A 66 12.18 12.54 -16.90
CA GLN A 66 10.86 13.13 -17.10
C GLN A 66 9.86 12.82 -15.97
N PHE A 67 10.13 11.80 -15.16
CA PHE A 67 9.21 11.43 -14.09
C PHE A 67 9.87 11.23 -12.74
N LYS A 68 9.14 11.56 -11.69
CA LYS A 68 9.44 11.04 -10.37
C LYS A 68 8.62 9.77 -10.13
N PHE A 69 9.15 8.84 -9.35
CA PHE A 69 8.54 7.53 -9.15
C PHE A 69 8.52 7.10 -7.69
N ALA A 70 7.39 6.58 -7.23
CA ALA A 70 7.35 5.92 -5.93
C ALA A 70 6.76 4.53 -6.06
N VAL A 71 7.36 3.56 -5.38
CA VAL A 71 6.83 2.20 -5.36
C VAL A 71 6.59 1.75 -3.93
N ASN A 72 5.33 1.44 -3.64
CA ASN A 72 4.96 0.85 -2.38
C ASN A 72 4.66 -0.64 -2.53
N SER A 73 5.28 -1.45 -1.69
CA SER A 73 5.10 -2.88 -1.76
C SER A 73 4.67 -3.41 -0.41
N THR A 74 3.68 -4.29 -0.41
CA THR A 74 3.16 -4.88 0.81
C THR A 74 3.16 -6.38 0.73
N ILE A 75 3.64 -7.05 1.77
CA ILE A 75 3.53 -8.50 1.81
C ILE A 75 2.61 -8.92 2.96
N VAL A 76 1.62 -9.75 2.64
CA VAL A 76 0.62 -10.14 3.62
C VAL A 76 0.55 -11.63 3.75
N GLN A 77 0.76 -12.12 4.95
CA GLN A 77 0.60 -13.53 5.22
C GLN A 77 -0.89 -13.97 5.14
N HIS A 78 -1.09 -15.15 4.58
CA HIS A 78 -2.39 -15.81 4.63
C HIS A 78 -2.73 -16.21 6.06
N LEU A 79 -4.02 -16.40 6.33
CA LEU A 79 -4.44 -16.92 7.62
C LEU A 79 -3.90 -18.34 7.80
N VAL A 80 -3.48 -18.63 9.01
CA VAL A 80 -2.88 -19.89 9.39
C VAL A 80 -3.90 -20.70 10.18
N PRO A 81 -4.14 -21.95 9.79
CA PRO A 81 -5.13 -22.74 10.54
C PRO A 81 -4.72 -22.92 11.99
N SER A 82 -5.73 -23.08 12.83
CA SER A 82 -5.56 -23.30 14.27
C SER A 82 -4.55 -24.41 14.58
N SER A 83 -4.58 -25.48 13.81
CA SER A 83 -3.63 -26.56 13.98
C SER A 83 -2.22 -26.24 13.45
N LYS A 84 -2.04 -25.06 12.84
CA LYS A 84 -0.77 -24.65 12.21
C LYS A 84 -0.33 -25.65 11.13
N ASP A 104 -8.20 -32.95 3.30
CA ASP A 104 -7.82 -31.64 2.77
C ASP A 104 -9.00 -30.89 2.19
N GLY A 105 -9.74 -31.55 1.32
CA GLY A 105 -10.80 -30.91 0.55
C GLY A 105 -10.18 -29.97 -0.48
N LYS A 106 -11.02 -29.15 -1.12
CA LYS A 106 -10.51 -28.18 -2.09
C LYS A 106 -9.66 -27.10 -1.45
N PRO A 107 -8.59 -26.73 -2.13
CA PRO A 107 -7.74 -25.64 -1.64
C PRO A 107 -8.54 -24.36 -1.45
N HIS A 108 -8.23 -23.65 -0.37
CA HIS A 108 -8.91 -22.44 0.00
C HIS A 108 -7.97 -21.54 0.80
N VAL A 109 -7.95 -20.27 0.46
CA VAL A 109 -7.07 -19.34 1.15
C VAL A 109 -7.87 -18.49 2.14
N GLY A 110 -7.50 -18.54 3.40
CA GLY A 110 -8.03 -17.59 4.37
C GLY A 110 -7.25 -16.28 4.31
N ARG A 111 -7.96 -15.17 4.24
CA ARG A 111 -7.38 -13.85 4.27
C ARG A 111 -8.08 -12.95 5.25
N ARG A 112 -7.29 -12.16 5.95
CA ARG A 112 -7.82 -11.06 6.73
C ARG A 112 -8.40 -9.99 5.78
N GLY A 113 -9.34 -9.20 6.26
CA GLY A 113 -9.89 -8.15 5.45
C GLY A 113 -8.96 -6.96 5.39
N MET A 114 -8.87 -6.33 4.23
CA MET A 114 -8.20 -5.05 4.14
C MET A 114 -8.67 -4.23 2.96
N HIS A 115 -8.51 -2.92 3.09
CA HIS A 115 -8.89 -2.00 2.06
C HIS A 115 -7.85 -0.91 2.00
N SER A 116 -7.30 -0.73 0.81
CA SER A 116 -6.31 0.29 0.57
C SER A 116 -6.81 1.21 -0.54
N ALA A 117 -6.87 2.50 -0.25
CA ALA A 117 -7.19 3.50 -1.25
C ALA A 117 -6.17 4.66 -1.29
N THR A 118 -6.14 5.37 -2.41
CA THR A 118 -5.23 6.51 -2.53
C THR A 118 -5.92 7.73 -3.14
N GLY A 119 -5.72 8.88 -2.50
CA GLY A 119 -6.11 10.15 -3.07
C GLY A 119 -4.89 11.02 -3.37
N ALA A 120 -5.07 12.00 -4.25
CA ALA A 120 -3.94 12.81 -4.68
C ALA A 120 -4.31 14.26 -4.99
N PHE A 121 -3.36 15.16 -4.76
CA PHE A 121 -3.46 16.55 -5.21
C PHE A 121 -2.36 16.73 -6.24
N TRP A 122 -2.76 16.65 -7.50
CA TRP A 122 -1.88 16.25 -8.60
C TRP A 122 -2.14 17.05 -9.84
N ASN A 123 -1.28 16.87 -10.83
CA ASN A 123 -1.63 17.19 -12.21
C ASN A 123 -2.35 15.97 -12.78
N ASP A 124 -3.65 16.12 -13.03
CA ASP A 124 -4.52 15.02 -13.44
C ASP A 124 -4.13 14.43 -14.80
N LYS A 125 -3.54 15.24 -15.66
CA LYS A 125 -3.23 14.78 -17.01
C LYS A 125 -1.84 14.15 -17.16
N THR A 126 -0.98 14.34 -16.19
CA THR A 126 0.38 13.81 -16.28
C THR A 126 0.71 12.77 -15.23
N ASP A 127 0.07 12.87 -14.07
CA ASP A 127 0.40 12.04 -12.93
C ASP A 127 -0.59 10.90 -12.75
N GLY A 128 -0.13 9.81 -12.15
CA GLY A 128 -0.93 8.61 -12.11
C GLY A 128 -0.44 7.49 -11.22
N MET A 129 -1.25 6.45 -11.13
CA MET A 129 -0.91 5.28 -10.32
C MET A 129 -1.37 4.00 -10.96
N TRP A 130 -0.71 2.92 -10.60
CA TRP A 130 -1.05 1.63 -11.15
C TRP A 130 -0.78 0.60 -10.05
N THR A 131 -1.59 -0.44 -10.01
CA THR A 131 -1.50 -1.43 -8.95
C THR A 131 -1.39 -2.84 -9.49
N TYR A 132 -0.68 -3.67 -8.77
CA TYR A 132 -0.53 -5.06 -9.12
C TYR A 132 -0.72 -5.95 -7.88
N LYS A 133 -1.38 -7.08 -8.04
CA LYS A 133 -1.48 -8.05 -6.97
C LYS A 133 -0.81 -9.36 -7.38
N HIS A 134 -0.05 -9.93 -6.45
CA HIS A 134 0.61 -11.21 -6.62
C HIS A 134 0.00 -12.20 -5.65
N GLU A 135 -1.12 -12.78 -6.05
CA GLU A 135 -1.87 -13.70 -5.21
C GLU A 135 -1.19 -15.05 -5.07
N GLY A 136 -0.88 -15.41 -3.83
CA GLY A 136 -0.38 -16.73 -3.53
C GLY A 136 -1.48 -17.79 -3.52
N ASP A 137 -1.11 -19.01 -3.90
CA ASP A 137 -2.01 -20.13 -3.70
C ASP A 137 -1.89 -20.54 -2.22
N GLU A 138 -2.65 -21.54 -1.83
CA GLU A 138 -2.69 -21.97 -0.43
C GLU A 138 -1.33 -22.42 0.08
N SER A 139 -0.55 -23.09 -0.76
CA SER A 139 0.76 -23.60 -0.35
C SER A 139 1.79 -22.50 -0.16
N LYS A 140 1.64 -21.40 -0.89
CA LYS A 140 2.56 -20.28 -0.81
C LYS A 140 2.43 -19.55 0.54
N GLY A 141 1.19 -19.21 0.94
CA GLY A 141 0.93 -18.68 2.25
C GLY A 141 1.00 -17.17 2.39
N MET A 142 1.07 -16.44 1.28
CA MET A 142 1.19 -15.00 1.36
C MET A 142 0.95 -14.33 0.03
N ASP A 143 0.51 -13.07 0.08
CA ASP A 143 0.27 -12.28 -1.12
C ASP A 143 1.17 -11.07 -1.16
N VAL A 144 1.36 -10.52 -2.35
CA VAL A 144 2.08 -9.27 -2.51
C VAL A 144 1.17 -8.28 -3.23
N VAL A 145 1.12 -7.05 -2.75
CA VAL A 145 0.47 -5.96 -3.45
C VAL A 145 1.44 -4.84 -3.79
N VAL A 146 1.34 -4.30 -4.99
CA VAL A 146 2.26 -3.29 -5.43
C VAL A 146 1.54 -2.05 -5.96
N MET A 147 1.90 -0.89 -5.41
CA MET A 147 1.47 0.36 -6.01
C MET A 147 2.65 1.15 -6.61
N LEU A 148 2.43 1.64 -7.82
CA LEU A 148 3.37 2.49 -8.53
C LEU A 148 2.76 3.85 -8.75
N ILE A 149 3.51 4.88 -8.39
CA ILE A 149 3.10 6.25 -8.67
C ILE A 149 4.12 6.94 -9.61
N TRP A 150 3.64 7.67 -10.60
CA TRP A 150 4.51 8.49 -11.42
C TRP A 150 4.08 9.95 -11.35
N ILE A 151 5.05 10.81 -11.09
CA ILE A 151 4.82 12.23 -11.11
C ILE A 151 5.66 12.83 -12.22
N ALA A 152 5.01 13.47 -13.19
CA ALA A 152 5.74 14.06 -14.29
C ALA A 152 6.64 15.19 -13.82
N VAL A 153 7.82 15.27 -14.41
CA VAL A 153 8.67 16.46 -14.31
C VAL A 153 9.19 16.68 -12.90
N ALA B 3 17.58 9.55 0.92
CA ALA B 3 17.43 10.82 1.66
C ALA B 3 16.15 11.53 1.26
N GLN B 4 15.71 12.45 2.11
CA GLN B 4 14.43 13.13 1.94
C GLN B 4 14.49 14.60 2.28
N GLY B 5 13.62 15.38 1.64
CA GLY B 5 13.48 16.80 1.93
C GLY B 5 12.68 17.05 3.18
N PRO B 6 12.82 18.26 3.77
CA PRO B 6 12.10 18.60 5.00
C PRO B 6 10.59 18.59 4.77
N SER B 7 9.87 18.00 5.70
CA SER B 7 8.42 17.96 5.63
C SER B 7 7.85 19.37 5.64
N PRO B 8 6.90 19.66 4.74
CA PRO B 8 6.31 21.00 4.63
C PRO B 8 5.40 21.32 5.80
N ILE B 9 5.07 20.30 6.57
CA ILE B 9 4.30 20.42 7.79
C ILE B 9 5.04 19.64 8.86
N PRO B 10 5.18 20.21 10.08
CA PRO B 10 5.90 19.50 11.14
C PRO B 10 5.28 18.14 11.39
N THR B 11 6.10 17.14 11.70
CA THR B 11 5.62 15.77 11.73
C THR B 11 4.62 15.60 12.87
N ASN B 12 4.85 16.30 13.98
CA ASN B 12 3.92 16.27 15.10
C ASN B 12 2.55 16.81 14.73
N ARG B 13 2.51 17.73 13.79
CA ARG B 13 1.24 18.22 13.29
C ARG B 13 0.58 17.17 12.42
N LEU B 14 1.39 16.51 11.59
CA LEU B 14 0.91 15.43 10.73
C LEU B 14 0.32 14.29 11.54
N LYS B 15 1.02 13.90 12.60
CA LYS B 15 0.59 12.79 13.43
C LYS B 15 -0.78 13.06 14.03
N GLN B 16 -1.10 14.34 14.19
CA GLN B 16 -2.36 14.67 14.81
C GLN B 16 -3.41 14.97 13.76
N ILE B 17 -3.00 15.42 12.57
CA ILE B 17 -3.93 15.42 11.44
C ILE B 17 -4.39 13.98 11.12
N ALA B 18 -3.48 13.03 11.27
CA ALA B 18 -3.71 11.66 10.89
C ALA B 18 -4.50 10.92 11.95
N ALA B 19 -4.11 11.09 13.22
CA ALA B 19 -4.80 10.43 14.32
C ALA B 19 -6.25 10.90 14.37
N ASP B 20 -6.44 12.19 14.11
CA ASP B 20 -7.76 12.78 14.11
C ASP B 20 -8.62 12.31 12.93
N ALA B 21 -8.06 12.26 11.73
CA ALA B 21 -8.79 11.72 10.59
C ALA B 21 -9.22 10.27 10.81
N CYS B 22 -8.38 9.48 11.49
CA CYS B 22 -8.67 8.08 11.75
C CYS B 22 -9.80 7.90 12.78
N ASN B 23 -9.69 8.57 13.92
CA ASN B 23 -10.71 8.43 14.95
C ASN B 23 -12.05 9.02 14.52
N ASP B 24 -12.05 10.07 13.72
CA ASP B 24 -13.28 10.58 13.13
C ASP B 24 -13.98 9.52 12.31
N ALA B 25 -13.22 8.78 11.52
CA ALA B 25 -13.80 7.78 10.66
C ALA B 25 -14.07 6.46 11.36
N ILE B 26 -13.18 6.02 12.25
CA ILE B 26 -13.36 4.70 12.83
C ILE B 26 -13.35 4.66 14.35
N GLY B 27 -13.37 5.84 14.98
CA GLY B 27 -13.40 5.91 16.44
C GLY B 27 -14.60 5.26 17.09
N SER B 28 -15.76 5.33 16.43
CA SER B 28 -16.97 4.73 17.00
C SER B 28 -17.26 3.30 16.52
N ALA B 29 -16.49 2.78 15.57
CA ALA B 29 -16.69 1.41 15.10
C ALA B 29 -16.32 0.37 16.17
N GLU B 30 -17.10 -0.69 16.25
CA GLU B 30 -16.94 -1.76 17.23
C GLU B 30 -15.99 -2.85 16.76
N PHE B 31 -15.84 -2.99 15.46
CA PHE B 31 -14.96 -3.99 14.90
C PHE B 31 -14.82 -3.73 13.42
N TYR B 32 -14.01 -4.55 12.76
CA TYR B 32 -13.79 -4.42 11.34
C TYR B 32 -15.05 -4.88 10.59
N ASP B 33 -15.50 -4.03 9.68
CA ASP B 33 -16.68 -4.27 8.90
C ASP B 33 -16.34 -3.96 7.46
N HIS B 34 -16.22 -4.98 6.63
CA HIS B 34 -15.64 -4.79 5.31
C HIS B 34 -16.50 -3.92 4.39
N ALA B 35 -17.80 -3.92 4.62
CA ALA B 35 -18.72 -3.14 3.82
C ALA B 35 -18.59 -1.64 4.06
N LYS B 36 -17.95 -1.26 5.17
CA LYS B 36 -17.80 0.16 5.50
C LYS B 36 -16.39 0.70 5.23
N THR B 37 -15.45 -0.17 4.87
CA THR B 37 -14.04 0.23 4.79
C THR B 37 -13.81 1.25 3.67
N GLU B 38 -14.59 1.18 2.62
CA GLU B 38 -14.40 2.10 1.52
C GLU B 38 -14.82 3.52 1.89
N GLN B 39 -15.95 3.67 2.58
CA GLN B 39 -16.34 4.99 3.05
C GLN B 39 -15.43 5.43 4.19
N TRP B 40 -14.94 4.49 4.98
CA TRP B 40 -14.00 4.80 6.04
C TRP B 40 -12.71 5.41 5.48
N ASN B 41 -12.15 4.78 4.44
CA ASN B 41 -10.94 5.29 3.79
C ASN B 41 -11.20 6.57 3.01
N HIS B 42 -12.35 6.64 2.38
CA HIS B 42 -12.77 7.84 1.68
C HIS B 42 -12.70 9.01 2.65
N GLN B 43 -13.24 8.81 3.84
CA GLN B 43 -13.25 9.85 4.85
C GLN B 43 -11.84 10.18 5.34
N ILE B 44 -11.05 9.16 5.62
CA ILE B 44 -9.71 9.34 6.18
C ILE B 44 -8.80 10.09 5.21
N ILE B 45 -8.83 9.72 3.95
CA ILE B 45 -7.98 10.31 2.93
C ILE B 45 -8.33 11.77 2.66
N ASN B 46 -9.62 12.04 2.45
CA ASN B 46 -10.10 13.40 2.20
C ASN B 46 -9.75 14.37 3.33
N THR B 47 -9.89 13.91 4.58
CA THR B 47 -9.59 14.74 5.73
C THR B 47 -8.11 15.10 5.79
N ILE B 48 -7.26 14.10 5.61
CA ILE B 48 -5.83 14.30 5.70
C ILE B 48 -5.36 15.19 4.56
N LEU B 49 -5.80 14.87 3.35
CA LEU B 49 -5.44 15.64 2.17
C LEU B 49 -5.85 17.12 2.29
N LYS B 50 -7.10 17.37 2.67
CA LYS B 50 -7.59 18.75 2.84
C LYS B 50 -6.75 19.49 3.87
N ALA B 51 -6.45 18.84 4.98
CA ALA B 51 -5.67 19.48 6.03
C ALA B 51 -4.25 19.78 5.61
N VAL B 52 -3.63 18.93 4.79
CA VAL B 52 -2.22 19.21 4.44
C VAL B 52 -2.11 20.22 3.32
N ILE B 53 -3.07 20.24 2.41
CA ILE B 53 -3.14 21.28 1.40
C ILE B 53 -3.27 22.62 2.09
N ALA B 54 -4.20 22.71 3.03
CA ALA B 54 -4.48 23.92 3.76
C ALA B 54 -3.29 24.42 4.57
N GLU B 55 -2.64 23.52 5.29
CA GLU B 55 -1.58 23.91 6.21
C GLU B 55 -0.19 23.89 5.58
N SER B 56 -0.11 23.73 4.27
CA SER B 56 1.18 23.78 3.64
C SER B 56 1.31 25.05 2.81
N GLN B 57 0.28 25.87 2.65
CA GLN B 57 0.52 26.98 1.76
C GLN B 57 0.03 28.28 2.39
N PRO B 58 0.87 29.32 2.28
CA PRO B 58 0.71 30.65 2.89
C PRO B 58 -0.60 31.40 2.70
N THR B 63 -0.36 33.37 -2.54
CA THR B 63 0.69 32.75 -3.35
C THR B 63 0.14 31.40 -3.89
N PRO B 64 0.70 30.91 -5.02
CA PRO B 64 0.36 29.60 -5.60
C PRO B 64 0.72 28.38 -4.76
N PRO B 65 0.10 27.23 -5.07
CA PRO B 65 0.45 25.94 -4.48
C PRO B 65 1.80 25.42 -4.95
N GLN B 66 2.63 24.95 -4.03
CA GLN B 66 4.00 24.56 -4.37
C GLN B 66 4.29 23.08 -4.15
N PHE B 67 3.29 22.30 -3.75
CA PHE B 67 3.48 20.86 -3.57
C PHE B 67 2.45 20.02 -4.29
N LYS B 68 2.89 18.86 -4.76
CA LYS B 68 1.96 17.80 -5.09
C LYS B 68 1.90 16.86 -3.90
N PHE B 69 0.69 16.39 -3.58
CA PHE B 69 0.52 15.47 -2.45
C PHE B 69 -0.18 14.18 -2.89
N ALA B 70 0.21 13.07 -2.28
CA ALA B 70 -0.52 11.83 -2.43
C ALA B 70 -0.73 11.20 -1.06
N VAL B 71 -1.95 10.75 -0.81
CA VAL B 71 -2.25 10.14 0.47
C VAL B 71 -2.78 8.73 0.26
N ASN B 72 -2.15 7.78 0.94
CA ASN B 72 -2.59 6.39 0.88
C ASN B 72 -3.03 5.90 2.25
N SER B 73 -4.20 5.29 2.30
CA SER B 73 -4.72 4.77 3.55
C SER B 73 -5.11 3.32 3.42
N THR B 74 -4.69 2.51 4.38
CA THR B 74 -5.03 1.10 4.42
C THR B 74 -5.61 0.66 5.75
N ILE B 75 -6.86 0.21 5.71
CA ILE B 75 -7.48 -0.40 6.89
C ILE B 75 -7.31 -1.91 6.85
N VAL B 76 -6.78 -2.45 7.93
CA VAL B 76 -6.39 -3.84 8.01
C VAL B 76 -7.06 -4.50 9.21
N GLN B 77 -7.86 -5.52 8.95
CA GLN B 77 -8.49 -6.32 10.00
C GLN B 77 -7.45 -7.02 10.87
N HIS B 78 -7.63 -7.00 12.19
CA HIS B 78 -6.79 -7.82 13.05
C HIS B 78 -6.96 -9.32 12.80
N LEU B 79 -5.89 -10.06 13.05
CA LEU B 79 -5.98 -11.50 13.18
C LEU B 79 -6.75 -11.84 14.45
N VAL B 80 -7.54 -12.91 14.40
CA VAL B 80 -8.26 -13.41 15.55
C VAL B 80 -7.28 -13.60 16.70
N PRO B 81 -7.67 -13.18 17.91
CA PRO B 81 -6.72 -13.28 19.02
C PRO B 81 -6.47 -14.70 19.49
N SER B 82 -5.35 -14.92 20.19
CA SER B 82 -5.02 -16.21 20.76
C SER B 82 -6.00 -16.59 21.87
N ARG B 112 4.84 -9.23 12.45
CA ARG B 112 3.67 -10.09 12.32
C ARG B 112 3.38 -10.46 10.88
N GLY B 113 2.08 -10.45 10.55
CA GLY B 113 1.59 -10.99 9.30
C GLY B 113 1.57 -10.09 8.09
N MET B 114 1.84 -8.80 8.23
CA MET B 114 2.08 -7.99 7.04
C MET B 114 3.10 -6.90 7.19
N HIS B 115 3.84 -6.67 6.13
CA HIS B 115 4.88 -5.66 6.11
C HIS B 115 4.72 -4.78 4.88
N SER B 116 4.79 -3.47 5.08
CA SER B 116 4.67 -2.54 3.96
C SER B 116 5.87 -1.58 3.95
N ALA B 117 6.38 -1.29 2.77
CA ALA B 117 7.48 -0.35 2.62
C ALA B 117 7.38 0.42 1.31
N THR B 118 8.00 1.59 1.27
CA THR B 118 7.98 2.44 0.08
C THR B 118 9.35 2.96 -0.31
N GLY B 119 9.71 2.81 -1.58
CA GLY B 119 10.92 3.39 -2.13
C GLY B 119 10.59 4.45 -3.18
N ALA B 120 11.47 5.43 -3.34
CA ALA B 120 11.21 6.47 -4.31
C ALA B 120 12.42 7.02 -5.01
N PHE B 121 12.15 7.61 -6.19
CA PHE B 121 13.12 8.28 -7.06
C PHE B 121 12.65 9.68 -7.27
N TRP B 122 13.09 10.60 -6.43
CA TRP B 122 12.59 11.96 -6.43
C TRP B 122 13.74 12.94 -6.24
N ASN B 123 13.40 14.14 -5.79
CA ASN B 123 14.37 15.13 -5.38
C ASN B 123 14.60 15.01 -3.88
N ASP B 124 15.76 14.50 -3.50
CA ASP B 124 16.09 14.25 -2.10
C ASP B 124 16.18 15.51 -1.23
N LYS B 125 16.11 16.70 -1.82
CA LYS B 125 16.19 17.91 -1.03
C LYS B 125 14.82 18.55 -0.81
N THR B 126 13.85 18.23 -1.65
CA THR B 126 12.53 18.85 -1.52
C THR B 126 11.41 17.84 -1.26
N ASP B 127 11.56 16.64 -1.80
CA ASP B 127 10.51 15.64 -1.78
C ASP B 127 10.65 14.67 -0.62
N GLY B 128 9.53 14.11 -0.19
CA GLY B 128 9.55 13.12 0.87
C GLY B 128 8.26 12.38 1.18
N MET B 129 8.33 11.54 2.19
CA MET B 129 7.17 10.80 2.62
C MET B 129 7.12 10.66 4.13
N TRP B 130 5.91 10.46 4.62
CA TRP B 130 5.68 10.30 6.03
C TRP B 130 4.67 9.17 6.20
N THR B 131 4.93 8.28 7.15
CA THR B 131 3.99 7.21 7.42
C THR B 131 3.50 7.21 8.85
N TYR B 132 2.36 6.57 9.06
CA TYR B 132 1.70 6.59 10.35
C TYR B 132 0.83 5.36 10.55
N LYS B 133 0.99 4.71 11.68
CA LYS B 133 0.15 3.60 12.05
C LYS B 133 -0.80 4.01 13.18
N HIS B 134 -2.11 3.93 12.90
CA HIS B 134 -3.14 4.03 13.91
C HIS B 134 -3.43 2.62 14.43
N GLU B 135 -2.82 2.26 15.55
CA GLU B 135 -2.85 0.88 16.04
C GLU B 135 -4.04 0.59 16.96
N GLY B 136 -4.92 -0.31 16.52
CA GLY B 136 -6.09 -0.67 17.30
C GLY B 136 -5.75 -1.61 18.44
N ASP B 137 -6.48 -1.54 19.53
CA ASP B 137 -6.33 -2.57 20.55
C ASP B 137 -7.18 -3.79 20.16
N GLU B 138 -7.17 -4.80 21.00
CA GLU B 138 -7.85 -6.05 20.70
C GLU B 138 -9.36 -5.90 20.45
N SER B 139 -10.02 -5.05 21.22
CA SER B 139 -11.45 -4.84 21.08
C SER B 139 -11.79 -4.12 19.78
N LYS B 140 -10.87 -3.32 19.27
CA LYS B 140 -11.10 -2.54 18.07
C LYS B 140 -11.05 -3.43 16.82
N GLY B 141 -10.14 -4.40 16.82
CA GLY B 141 -10.03 -5.37 15.75
C GLY B 141 -9.55 -4.90 14.39
N MET B 142 -8.94 -3.72 14.32
CA MET B 142 -8.40 -3.25 13.06
C MET B 142 -7.35 -2.17 13.27
N ASP B 143 -6.40 -2.09 12.34
CA ASP B 143 -5.39 -1.04 12.31
C ASP B 143 -5.60 -0.16 11.10
N VAL B 144 -5.07 1.06 11.15
CA VAL B 144 -4.98 1.92 9.97
C VAL B 144 -3.53 2.29 9.72
N VAL B 145 -3.16 2.29 8.44
CA VAL B 145 -1.82 2.61 7.99
C VAL B 145 -1.91 3.74 6.97
N VAL B 146 -1.31 4.86 7.29
CA VAL B 146 -1.41 6.02 6.42
C VAL B 146 -0.03 6.42 5.88
N MET B 147 0.02 6.74 4.60
CA MET B 147 1.23 7.31 4.03
C MET B 147 0.97 8.63 3.30
N LEU B 148 1.82 9.61 3.58
CA LEU B 148 1.81 10.85 2.84
C LEU B 148 3.06 10.98 1.97
N ILE B 149 2.85 11.33 0.71
CA ILE B 149 3.95 11.70 -0.15
C ILE B 149 3.82 13.15 -0.61
N TRP B 150 4.90 13.93 -0.49
CA TRP B 150 4.90 15.29 -1.03
C TRP B 150 5.99 15.50 -2.07
N ILE B 151 5.61 16.15 -3.16
CA ILE B 151 6.52 16.46 -4.26
C ILE B 151 6.48 17.96 -4.54
N ALA B 152 7.61 18.63 -4.33
CA ALA B 152 7.72 20.08 -4.53
C ALA B 152 7.55 20.48 -5.99
N VAL B 153 6.73 21.51 -6.20
CA VAL B 153 6.60 22.15 -7.50
C VAL B 153 6.28 21.16 -8.63
N LEU C 6 -4.01 24.14 -12.68
CA LEU C 6 -2.78 23.38 -12.82
C LEU C 6 -2.87 22.04 -12.09
N THR C 7 -2.76 22.07 -10.76
CA THR C 7 -2.86 20.86 -9.96
C THR C 7 -4.18 20.80 -9.17
N THR C 8 -4.88 19.67 -9.27
CA THR C 8 -6.21 19.53 -8.67
C THR C 8 -6.37 18.29 -7.78
N VAL C 9 -7.58 18.08 -7.28
CA VAL C 9 -7.89 16.94 -6.43
C VAL C 9 -8.76 15.93 -7.18
N PRO C 10 -8.14 14.85 -7.71
CA PRO C 10 -8.93 13.85 -8.44
C PRO C 10 -9.55 12.74 -7.61
N LEU C 11 -10.32 11.91 -8.31
CA LEU C 11 -11.02 10.77 -7.74
C LEU C 11 -10.08 9.79 -7.01
N THR C 12 -10.64 8.98 -6.13
CA THR C 12 -9.84 8.04 -5.33
C THR C 12 -9.86 6.64 -5.94
N THR C 13 -8.78 5.86 -5.76
CA THR C 13 -8.67 4.50 -6.31
C THR C 13 -8.34 3.45 -5.22
N ILE C 14 -8.19 2.16 -5.59
CA ILE C 14 -8.28 1.05 -4.60
C ILE C 14 -7.28 -0.16 -4.72
N TYR C 15 -6.99 -0.84 -3.60
CA TYR C 15 -6.79 -2.31 -3.53
C TYR C 15 -7.68 -2.94 -2.41
N GLU C 16 -8.34 -4.07 -2.67
CA GLU C 16 -9.41 -4.52 -1.78
C GLU C 16 -9.55 -6.03 -1.57
N CYS C 17 -9.70 -6.47 -0.33
CA CYS C 17 -9.75 -7.89 -0.01
C CYS C 17 -10.73 -8.24 1.12
N PRO C 18 -11.92 -8.77 0.76
CA PRO C 18 -12.88 -9.13 1.82
C PRO C 18 -12.35 -10.26 2.67
N PRO C 19 -12.68 -10.25 3.97
CA PRO C 19 -12.20 -11.33 4.83
C PRO C 19 -12.69 -12.70 4.36
N SER C 20 -11.87 -13.72 4.61
CA SER C 20 -12.17 -15.04 4.15
C SER C 20 -11.73 -16.02 5.20
N PRO C 21 -12.58 -16.98 5.53
CA PRO C 21 -12.18 -17.84 6.65
C PRO C 21 -11.05 -18.77 6.26
N VAL C 22 -10.18 -19.06 7.23
CA VAL C 22 -9.11 -20.03 7.08
C VAL C 22 -9.68 -21.45 6.89
N LYS C 23 -8.99 -22.29 6.14
CA LYS C 23 -9.37 -23.69 6.05
C LYS C 23 -8.78 -24.44 7.24
N GLU C 24 -9.62 -24.80 8.20
CA GLU C 24 -9.14 -25.51 9.37
C GLU C 24 -8.79 -26.96 9.05
N ILE C 25 -7.81 -27.47 9.78
CA ILE C 25 -7.39 -28.84 9.60
C ILE C 25 -7.78 -29.65 10.84
N PHE C 26 -8.54 -30.70 10.60
CA PHE C 26 -9.17 -31.41 11.69
C PHE C 26 -8.40 -32.67 12.06
N SER C 27 -8.72 -33.21 13.23
CA SER C 27 -8.11 -34.44 13.69
C SER C 27 -9.09 -35.60 13.53
N TYR C 28 -8.60 -36.72 13.03
CA TYR C 28 -9.44 -37.84 12.69
C TYR C 28 -9.06 -39.06 13.53
N SER C 29 -10.06 -39.88 13.83
CA SER C 29 -9.81 -41.16 14.46
C SER C 29 -9.37 -42.17 13.43
N LYS C 30 -9.05 -43.35 13.90
CA LYS C 30 -8.63 -44.44 13.03
C LYS C 30 -9.73 -44.82 12.05
N GLY C 31 -10.94 -45.00 12.54
CA GLY C 31 -12.03 -45.47 11.70
C GLY C 31 -12.29 -46.93 11.99
N ILE C 32 -13.53 -47.28 12.33
CA ILE C 32 -13.83 -48.67 12.68
C ILE C 32 -14.81 -49.33 11.73
N GLN C 33 -14.33 -50.39 11.10
CA GLN C 33 -15.09 -51.22 10.18
C GLN C 33 -15.67 -52.41 10.93
N THR C 34 -16.99 -52.51 10.98
CA THR C 34 -17.61 -53.67 11.62
C THR C 34 -18.94 -54.04 10.97
#